data_8GC9
#
_entry.id   8GC9
#
_cell.length_a   99.945
_cell.length_b   31.400
_cell.length_c   68.684
_cell.angle_alpha   90.000
_cell.angle_beta   90.980
_cell.angle_gamma   90.000
#
_symmetry.space_group_name_H-M   'C 1 2 1'
#
loop_
_entity.id
_entity.type
_entity.pdbx_description
1 polymer 'Ribonuclease pancreatic'
2 non-polymer "uridine 5'-heptaphosphate"
3 water water
#
_entity_poly.entity_id   1
_entity_poly.type   'polypeptide(L)'
_entity_poly.pdbx_seq_one_letter_code
;KETAAAKFERQHMDSSTSAASSSNYCNQMMKSRNLTKDRCKPVNTFVHESLADVQAVCSQKNVACKNGQTNCYQSYSTMS
ITDCRETGSSKYPNCAYKTTQANKHIIVACEGNPYVPVHFDASV
;
_entity_poly.pdbx_strand_id   A,B
#
loop_
_chem_comp.id
_chem_comp.type
_chem_comp.name
_chem_comp.formula
YWQ RNA linking 'uridine 5'-heptaphosphate' 'C9 H19 N2 O27 P7'
#
# COMPACT_ATOMS: atom_id res chain seq x y z
N LYS A 1 -23.74 13.87 -1.47
CA LYS A 1 -22.55 14.69 -1.21
C LYS A 1 -21.28 13.87 -1.46
N GLU A 2 -20.30 14.49 -2.15
CA GLU A 2 -19.07 13.79 -2.53
C GLU A 2 -18.17 13.55 -1.33
N THR A 3 -17.91 12.28 -1.03
CA THR A 3 -16.97 11.93 0.03
C THR A 3 -15.52 12.23 -0.38
N ALA A 4 -14.65 12.30 0.63
CA ALA A 4 -13.22 12.50 0.39
C ALA A 4 -12.65 11.38 -0.46
N ALA A 5 -13.04 10.13 -0.16
CA ALA A 5 -12.56 9.00 -0.96
C ALA A 5 -13.04 9.09 -2.41
N ALA A 6 -14.29 9.50 -2.62
CA ALA A 6 -14.78 9.71 -3.98
C ALA A 6 -14.04 10.86 -4.64
N LYS A 7 -13.74 11.92 -3.89
CA LYS A 7 -13.02 13.03 -4.50
C LYS A 7 -11.60 12.60 -4.86
N PHE A 8 -10.99 11.70 -4.10
CA PHE A 8 -9.65 11.23 -4.49
C PHE A 8 -9.71 10.43 -5.79
N GLU A 9 -10.75 9.64 -5.99
CA GLU A 9 -10.86 8.88 -7.25
C GLU A 9 -11.07 9.82 -8.43
N ARG A 10 -11.87 10.86 -8.23
CA ARG A 10 -12.15 11.81 -9.31
C ARG A 10 -10.90 12.60 -9.67
N GLN A 11 -10.14 13.01 -8.66
CA GLN A 11 -8.99 13.88 -8.90
C GLN A 11 -7.72 13.13 -9.30
N HIS A 12 -7.59 11.85 -8.96
CA HIS A 12 -6.31 11.16 -9.08
C HIS A 12 -6.34 9.79 -9.74
N MET A 13 -7.51 9.21 -9.99
CA MET A 13 -7.55 7.81 -10.42
C MET A 13 -7.77 7.82 -11.94
N ASP A 14 -6.87 7.15 -12.69
CA ASP A 14 -7.06 7.00 -14.13
C ASP A 14 -6.53 5.61 -14.53
N SER A 15 -7.32 4.61 -14.17
CA SER A 15 -6.89 3.21 -14.28
C SER A 15 -6.77 2.84 -15.75
N SER A 16 -5.54 2.56 -16.17
CA SER A 16 -5.13 2.25 -17.53
C SER A 16 -3.67 1.86 -17.43
N THR A 17 -3.07 1.47 -18.55
CA THR A 17 -1.65 1.12 -18.50
C THR A 17 -0.80 2.36 -18.29
N SER A 18 -1.18 3.46 -18.93
CA SER A 18 -0.45 4.73 -18.87
C SER A 18 -1.32 5.75 -19.57
N ALA A 19 -0.86 6.99 -19.58
CA ALA A 19 -1.66 8.09 -20.12
C ALA A 19 -1.99 7.86 -21.59
N ALA A 20 -3.27 8.01 -21.92
CA ALA A 20 -3.73 7.97 -23.30
C ALA A 20 -4.77 9.07 -23.49
N SER A 21 -4.66 9.81 -24.60
CA SER A 21 -5.53 10.94 -24.85
C SER A 21 -5.40 11.35 -26.32
N SER A 22 -6.42 12.06 -26.81
CA SER A 22 -6.37 12.48 -28.21
C SER A 22 -5.48 13.70 -28.39
N SER A 23 -5.36 14.50 -27.34
CA SER A 23 -4.49 15.67 -27.33
C SER A 23 -3.76 15.69 -25.99
N ASN A 24 -3.21 16.84 -25.63
CA ASN A 24 -2.51 17.06 -24.37
C ASN A 24 -3.28 16.42 -23.22
N TYR A 25 -2.74 15.34 -22.66
CA TYR A 25 -3.44 14.57 -21.63
C TYR A 25 -3.83 15.43 -20.43
N CYS A 26 -2.90 16.27 -19.96
CA CYS A 26 -3.18 17.02 -18.75
C CYS A 26 -4.25 18.09 -18.99
N ASN A 27 -4.19 18.79 -20.12
CA ASN A 27 -5.26 19.75 -20.41
C ASN A 27 -6.61 19.06 -20.46
N GLN A 28 -6.69 17.92 -21.14
CA GLN A 28 -7.98 17.25 -21.27
C GLN A 28 -8.45 16.70 -19.93
N MET A 29 -7.53 16.13 -19.15
CA MET A 29 -7.89 15.44 -17.92
C MET A 29 -8.24 16.45 -16.83
N MET A 30 -7.47 17.55 -16.73
CA MET A 30 -7.71 18.46 -15.62
C MET A 30 -9.04 19.17 -15.80
N LYS A 31 -9.45 19.37 -17.05
CA LYS A 31 -10.75 19.95 -17.33
C LYS A 31 -11.87 18.95 -17.07
N SER A 32 -11.78 17.75 -17.67
CA SER A 32 -12.88 16.78 -17.55
C SER A 32 -13.09 16.31 -16.13
N ARG A 33 -12.02 16.17 -15.34
CA ARG A 33 -12.17 15.82 -13.93
C ARG A 33 -12.59 17.00 -13.07
N ASN A 34 -12.86 18.16 -13.69
CA ASN A 34 -13.37 19.36 -13.01
C ASN A 34 -12.34 19.96 -12.06
N LEU A 35 -11.06 19.78 -12.37
CA LEU A 35 -9.98 20.36 -11.60
C LEU A 35 -9.62 21.77 -12.08
N THR A 36 -10.38 22.33 -13.02
CA THR A 36 -10.13 23.69 -13.49
C THR A 36 -11.38 24.58 -13.39
N LYS A 37 -12.35 24.21 -12.54
CA LYS A 37 -13.62 24.93 -12.50
C LYS A 37 -13.51 26.16 -11.60
N ASP A 38 -13.04 26.00 -10.36
CA ASP A 38 -12.93 27.13 -9.45
C ASP A 38 -11.57 27.81 -9.48
N ARG A 39 -10.54 27.11 -9.95
CA ARG A 39 -9.19 27.60 -10.10
C ARG A 39 -8.47 26.63 -11.03
N CYS A 40 -7.27 26.99 -11.46
CA CYS A 40 -6.36 26.01 -12.06
C CYS A 40 -5.66 25.31 -10.91
N LYS A 41 -6.04 24.07 -10.63
CA LYS A 41 -5.26 23.29 -9.70
C LYS A 41 -3.81 23.25 -10.17
N PRO A 42 -2.85 23.72 -9.38
CA PRO A 42 -1.50 23.93 -9.92
C PRO A 42 -0.77 22.64 -10.22
N VAL A 43 -0.92 21.63 -9.36
CA VAL A 43 -0.20 20.35 -9.47
C VAL A 43 -1.18 19.22 -9.18
N ASN A 44 -1.27 18.25 -10.09
CA ASN A 44 -2.16 17.13 -9.87
C ASN A 44 -1.59 15.90 -10.57
N THR A 45 -1.53 14.78 -9.84
CA THR A 45 -1.02 13.52 -10.35
C THR A 45 -2.17 12.56 -10.60
N PHE A 46 -2.12 11.86 -11.75
CA PHE A 46 -3.04 10.77 -12.04
C PHE A 46 -2.29 9.44 -11.92
N VAL A 47 -2.97 8.43 -11.40
CA VAL A 47 -2.37 7.13 -11.14
C VAL A 47 -3.00 6.10 -12.08
N HIS A 48 -2.18 5.48 -12.89
CA HIS A 48 -2.66 4.49 -13.87
C HIS A 48 -2.45 3.08 -13.35
N GLU A 49 -3.11 2.80 -12.23
CA GLU A 49 -3.12 1.48 -11.61
C GLU A 49 -4.58 1.17 -11.29
N SER A 50 -4.85 -0.07 -10.89
CA SER A 50 -6.19 -0.40 -10.44
C SER A 50 -6.49 0.29 -9.12
N LEU A 51 -7.78 0.54 -8.89
CA LEU A 51 -8.19 1.11 -7.62
C LEU A 51 -7.73 0.22 -6.46
N ALA A 52 -7.86 -1.10 -6.60
CA ALA A 52 -7.42 -1.98 -5.52
C ALA A 52 -5.96 -1.76 -5.19
N ASP A 53 -5.12 -1.62 -6.22
CA ASP A 53 -3.69 -1.46 -5.99
C ASP A 53 -3.40 -0.14 -5.29
N VAL A 54 -4.13 0.92 -5.65
CA VAL A 54 -3.92 2.21 -4.99
C VAL A 54 -4.46 2.17 -3.57
N GLN A 55 -5.65 1.59 -3.37
CA GLN A 55 -6.19 1.47 -2.02
C GLN A 55 -5.27 0.65 -1.11
N ALA A 56 -4.65 -0.39 -1.67
CA ALA A 56 -3.73 -1.22 -0.90
C ALA A 56 -2.57 -0.43 -0.31
N VAL A 57 -2.27 0.76 -0.85
CA VAL A 57 -1.12 1.52 -0.36
C VAL A 57 -1.32 1.97 1.08
N CYS A 58 -2.59 2.13 1.50
CA CYS A 58 -2.90 2.54 2.87
C CYS A 58 -2.40 1.54 3.90
N SER A 59 -1.90 0.37 3.48
CA SER A 59 -1.28 -0.59 4.39
C SER A 59 0.20 -0.81 4.08
N GLN A 60 0.79 0.08 3.28
CA GLN A 60 2.20 -0.08 2.90
C GLN A 60 3.04 0.86 3.77
N LYS A 61 4.03 1.57 3.21
CA LYS A 61 5.04 2.22 4.05
C LYS A 61 4.51 3.50 4.66
N ASN A 62 4.35 3.52 5.98
CA ASN A 62 3.89 4.70 6.68
C ASN A 62 4.98 5.78 6.68
N VAL A 63 4.62 6.98 6.23
CA VAL A 63 5.55 8.11 6.15
C VAL A 63 4.84 9.37 6.60
N ALA A 64 5.64 10.34 7.01
CA ALA A 64 5.09 11.64 7.39
C ALA A 64 4.55 12.36 6.16
N CYS A 65 3.33 12.88 6.28
CA CYS A 65 2.80 13.78 5.27
C CYS A 65 3.56 15.09 5.28
N LYS A 66 3.57 15.76 4.14
CA LYS A 66 4.22 17.07 4.08
C LYS A 66 3.67 18.06 5.12
N ASN A 67 2.39 17.94 5.51
CA ASN A 67 1.88 18.88 6.51
C ASN A 67 2.18 18.46 7.94
N GLY A 68 2.85 17.33 8.13
CA GLY A 68 3.19 16.87 9.46
C GLY A 68 2.17 15.94 10.09
N GLN A 69 1.04 15.70 9.43
CA GLN A 69 0.20 14.57 9.79
C GLN A 69 0.97 13.28 9.51
N THR A 70 0.60 12.22 10.22
CA THR A 70 1.37 10.99 10.17
C THR A 70 0.66 9.87 9.43
N ASN A 71 -0.46 10.17 8.78
CA ASN A 71 -1.28 9.15 8.10
C ASN A 71 -0.99 9.09 6.61
N CYS A 72 0.29 9.16 6.21
CA CYS A 72 0.66 9.04 4.81
C CYS A 72 1.36 7.72 4.57
N TYR A 73 1.31 7.27 3.31
CA TYR A 73 1.76 5.94 2.97
C TYR A 73 2.39 5.96 1.59
N GLN A 74 3.54 5.32 1.49
CA GLN A 74 4.34 5.26 0.28
C GLN A 74 4.26 3.85 -0.29
N SER A 75 4.03 3.73 -1.59
CA SER A 75 3.91 2.41 -2.21
C SER A 75 5.26 1.70 -2.24
N TYR A 76 5.24 0.38 -2.00
CA TYR A 76 6.48 -0.39 -2.09
C TYR A 76 6.92 -0.52 -3.55
N SER A 77 5.96 -0.58 -4.47
CA SER A 77 6.21 -0.73 -5.89
C SER A 77 6.19 0.62 -6.56
N THR A 78 6.97 0.77 -7.62
CA THR A 78 6.74 1.90 -8.50
C THR A 78 5.40 1.74 -9.17
N MET A 79 4.85 2.86 -9.61
CA MET A 79 3.46 2.91 -10.02
C MET A 79 3.45 3.78 -11.26
N SER A 80 2.62 3.45 -12.24
CA SER A 80 2.53 4.27 -13.45
C SER A 80 1.69 5.50 -13.16
N ILE A 81 2.27 6.69 -13.30
CA ILE A 81 1.60 7.95 -12.98
C ILE A 81 1.85 8.99 -14.07
N THR A 82 1.04 10.05 -14.04
CA THR A 82 1.21 11.20 -14.92
C THR A 82 1.06 12.45 -14.07
N ASP A 83 2.08 13.30 -14.08
CA ASP A 83 2.07 14.57 -13.37
C ASP A 83 1.59 15.67 -14.30
N CYS A 84 0.71 16.53 -13.77
CA CYS A 84 0.21 17.69 -14.49
C CYS A 84 0.60 18.92 -13.66
N ARG A 85 1.40 19.80 -14.26
CA ARG A 85 1.86 21.02 -13.60
C ARG A 85 1.46 22.22 -14.45
N GLU A 86 0.82 23.20 -13.82
CA GLU A 86 0.35 24.39 -14.55
C GLU A 86 1.53 25.09 -15.23
N THR A 87 1.33 25.54 -16.46
CA THR A 87 2.43 26.25 -17.11
C THR A 87 2.57 27.66 -16.55
N GLY A 88 3.65 28.33 -16.94
CA GLY A 88 3.84 29.70 -16.50
C GLY A 88 2.83 30.65 -17.10
N SER A 89 2.48 30.44 -18.38
CA SER A 89 1.52 31.29 -19.07
C SER A 89 0.07 30.96 -18.71
N SER A 90 -0.19 29.83 -18.08
CA SER A 90 -1.55 29.49 -17.68
C SER A 90 -2.08 30.50 -16.67
N LYS A 91 -3.22 31.11 -16.99
CA LYS A 91 -3.92 31.93 -16.02
C LYS A 91 -5.41 31.63 -16.10
N TYR A 92 -6.01 31.31 -14.96
CA TYR A 92 -7.42 30.95 -14.88
C TYR A 92 -8.29 32.02 -15.54
N PRO A 93 -9.35 31.63 -16.26
CA PRO A 93 -9.85 30.27 -16.48
C PRO A 93 -9.26 29.61 -17.73
N ASN A 94 -8.20 30.17 -18.30
CA ASN A 94 -7.45 29.52 -19.39
C ASN A 94 -6.30 28.73 -18.77
N CYS A 95 -6.64 27.61 -18.12
CA CYS A 95 -5.64 26.76 -17.51
C CYS A 95 -4.91 25.96 -18.59
N ALA A 96 -3.59 25.91 -18.48
CA ALA A 96 -2.76 25.10 -19.35
C ALA A 96 -1.77 24.32 -18.50
N TYR A 97 -1.44 23.11 -18.95
CA TYR A 97 -0.64 22.18 -18.18
C TYR A 97 0.44 21.55 -19.03
N LYS A 98 1.61 21.33 -18.43
CA LYS A 98 2.59 20.44 -19.02
C LYS A 98 2.42 19.04 -18.42
N THR A 99 2.62 18.03 -19.27
CA THR A 99 2.39 16.63 -18.95
C THR A 99 3.73 15.95 -18.77
N THR A 100 3.91 15.27 -17.63
CA THR A 100 5.13 14.53 -17.36
C THR A 100 4.72 13.12 -16.97
N GLN A 101 5.13 12.12 -17.76
CA GLN A 101 4.84 10.75 -17.40
C GLN A 101 5.98 10.20 -16.56
N ALA A 102 5.65 9.29 -15.65
CA ALA A 102 6.69 8.74 -14.78
C ALA A 102 6.25 7.39 -14.23
N ASN A 103 7.23 6.66 -13.73
CA ASN A 103 7.01 5.49 -12.88
C ASN A 103 7.74 5.77 -11.58
N LYS A 104 6.96 5.89 -10.50
CA LYS A 104 7.47 6.38 -9.23
C LYS A 104 6.68 5.73 -8.12
N HIS A 105 7.21 5.82 -6.91
CA HIS A 105 6.44 5.43 -5.74
C HIS A 105 5.52 6.56 -5.34
N ILE A 106 4.21 6.27 -5.13
CA ILE A 106 3.29 7.34 -4.76
C ILE A 106 3.19 7.43 -3.25
N ILE A 107 2.83 8.62 -2.76
CA ILE A 107 2.56 8.85 -1.34
C ILE A 107 1.17 9.45 -1.20
N VAL A 108 0.29 8.75 -0.49
CA VAL A 108 -1.09 9.21 -0.29
C VAL A 108 -1.39 9.29 1.19
N ALA A 109 -2.33 10.15 1.54
CA ALA A 109 -2.91 10.19 2.87
C ALA A 109 -4.17 9.33 2.88
N CYS A 110 -4.38 8.60 3.97
CA CYS A 110 -5.55 7.75 4.06
C CYS A 110 -6.36 8.15 5.28
N GLU A 111 -7.68 7.99 5.19
CA GLU A 111 -8.57 8.28 6.31
C GLU A 111 -9.76 7.35 6.26
N GLY A 112 -10.54 7.39 7.35
CA GLY A 112 -11.88 6.81 7.39
C GLY A 112 -11.89 5.34 7.74
N ASN A 113 -13.11 4.81 7.80
CA ASN A 113 -13.33 3.37 7.95
C ASN A 113 -14.38 2.98 6.92
N PRO A 114 -14.03 2.25 5.85
CA PRO A 114 -12.70 1.69 5.53
C PRO A 114 -11.61 2.73 5.33
N TYR A 115 -10.39 2.36 5.69
CA TYR A 115 -9.23 3.25 5.60
C TYR A 115 -8.78 3.33 4.15
N VAL A 116 -9.00 4.47 3.51
CA VAL A 116 -8.85 4.56 2.06
C VAL A 116 -8.15 5.87 1.70
N PRO A 117 -7.54 5.93 0.52
CA PRO A 117 -6.85 7.16 0.10
C PRO A 117 -7.81 8.33 -0.02
N VAL A 118 -7.40 9.46 0.56
CA VAL A 118 -8.18 10.71 0.45
C VAL A 118 -7.35 11.86 -0.08
N HIS A 119 -6.02 11.76 -0.12
CA HIS A 119 -5.20 12.86 -0.56
C HIS A 119 -3.94 12.32 -1.24
N PHE A 120 -3.46 13.02 -2.27
CA PHE A 120 -2.20 12.67 -2.92
C PHE A 120 -1.12 13.65 -2.43
N ASP A 121 -0.05 13.12 -1.85
CA ASP A 121 0.91 13.98 -1.16
C ASP A 121 2.17 14.24 -1.96
N ALA A 122 2.72 13.22 -2.63
CA ALA A 122 3.99 13.33 -3.34
C ALA A 122 4.24 12.03 -4.10
N SER A 123 5.29 12.04 -4.92
CA SER A 123 5.80 10.82 -5.51
C SER A 123 7.33 10.83 -5.40
N VAL A 124 7.92 9.64 -5.25
CA VAL A 124 9.37 9.58 -5.05
C VAL A 124 9.99 8.42 -5.79
N LYS B 1 18.17 0.67 2.66
CA LYS B 1 18.44 0.12 3.99
C LYS B 1 17.16 0.03 4.81
N GLU B 2 16.39 -1.02 4.52
CA GLU B 2 15.18 -1.30 5.29
C GLU B 2 15.54 -1.82 6.68
N THR B 3 14.95 -1.23 7.71
CA THR B 3 15.06 -1.79 9.04
C THR B 3 14.31 -3.12 9.12
N ALA B 4 14.66 -3.94 10.11
CA ALA B 4 13.93 -5.20 10.27
C ALA B 4 12.47 -4.94 10.63
N ALA B 5 12.19 -3.87 11.40
CA ALA B 5 10.81 -3.54 11.75
C ALA B 5 10.00 -3.13 10.52
N ALA B 6 10.62 -2.39 9.60
CA ALA B 6 9.88 -1.97 8.40
C ALA B 6 9.69 -3.15 7.45
N LYS B 7 10.68 -4.04 7.36
CA LYS B 7 10.53 -5.22 6.52
C LYS B 7 9.40 -6.10 7.03
N PHE B 8 9.24 -6.18 8.36
CA PHE B 8 8.12 -6.93 8.92
C PHE B 8 6.78 -6.34 8.49
N GLU B 9 6.64 -5.01 8.56
CA GLU B 9 5.40 -4.40 8.11
C GLU B 9 5.16 -4.65 6.62
N ARG B 10 6.22 -4.52 5.81
CA ARG B 10 6.05 -4.74 4.37
C ARG B 10 5.63 -6.18 4.09
N GLN B 11 6.30 -7.15 4.73
CA GLN B 11 6.03 -8.54 4.39
C GLN B 11 4.75 -9.03 5.02
N HIS B 12 4.35 -8.50 6.18
CA HIS B 12 3.37 -9.21 7.02
C HIS B 12 2.16 -8.43 7.47
N MET B 13 2.12 -7.10 7.38
CA MET B 13 0.94 -6.39 7.82
C MET B 13 0.03 -5.99 6.67
N ASP B 14 -1.26 -6.30 6.83
CA ASP B 14 -2.31 -5.79 5.97
C ASP B 14 -3.45 -5.36 6.88
N SER B 15 -3.28 -4.18 7.50
CA SER B 15 -4.27 -3.64 8.43
C SER B 15 -5.50 -3.07 7.73
N SER B 16 -5.50 -2.99 6.40
CA SER B 16 -6.58 -2.31 5.71
C SER B 16 -7.72 -3.22 5.32
N THR B 17 -7.54 -4.54 5.37
CA THR B 17 -8.64 -5.47 5.12
C THR B 17 -8.79 -6.42 6.30
N SER B 18 -10.02 -6.85 6.56
CA SER B 18 -10.28 -7.72 7.69
C SER B 18 -9.98 -9.18 7.37
N ALA B 19 -9.90 -9.53 6.09
CA ALA B 19 -9.68 -10.91 5.67
C ALA B 19 -9.36 -10.91 4.18
N ALA B 20 -8.84 -12.03 3.70
CA ALA B 20 -8.60 -12.20 2.27
C ALA B 20 -9.93 -12.32 1.51
N SER B 21 -10.16 -11.40 0.57
CA SER B 21 -11.48 -11.29 -0.06
C SER B 21 -11.71 -12.36 -1.13
N SER B 22 -10.67 -12.81 -1.81
CA SER B 22 -10.82 -13.83 -2.82
C SER B 22 -9.64 -14.78 -2.76
N SER B 23 -9.65 -15.77 -3.65
CA SER B 23 -8.54 -16.70 -3.79
C SER B 23 -7.36 -16.08 -4.54
N ASN B 24 -7.51 -14.88 -5.07
CA ASN B 24 -6.44 -14.17 -5.75
C ASN B 24 -5.72 -13.19 -4.82
N TYR B 25 -6.14 -13.11 -3.55
CA TYR B 25 -5.53 -12.19 -2.60
C TYR B 25 -4.02 -12.34 -2.56
N CYS B 26 -3.54 -13.57 -2.40
CA CYS B 26 -2.11 -13.78 -2.28
C CYS B 26 -1.38 -13.38 -3.55
N ASN B 27 -1.93 -13.76 -4.72
CA ASN B 27 -1.30 -13.36 -5.98
C ASN B 27 -1.12 -11.85 -6.03
N GLN B 28 -2.17 -11.09 -5.73
CA GLN B 28 -2.06 -9.64 -5.78
C GLN B 28 -1.15 -9.11 -4.66
N MET B 29 -1.31 -9.61 -3.42
CA MET B 29 -0.56 -9.04 -2.30
C MET B 29 0.92 -9.36 -2.33
N MET B 30 1.32 -10.56 -2.73
CA MET B 30 2.76 -10.77 -2.76
C MET B 30 3.42 -9.93 -3.82
N LYS B 31 2.71 -9.62 -4.91
CA LYS B 31 3.26 -8.72 -5.92
C LYS B 31 3.50 -7.32 -5.35
N SER B 32 2.50 -6.77 -4.66
CA SER B 32 2.53 -5.37 -4.27
C SER B 32 3.45 -5.08 -3.09
N ARG B 33 3.92 -6.12 -2.41
CA ARG B 33 4.89 -6.01 -1.32
C ARG B 33 6.31 -6.36 -1.76
N ASN B 34 6.53 -6.47 -3.07
CA ASN B 34 7.82 -6.76 -3.70
C ASN B 34 8.33 -8.15 -3.35
N LEU B 35 7.44 -9.06 -3.00
CA LEU B 35 7.80 -10.44 -2.65
C LEU B 35 7.86 -11.38 -3.84
N THR B 36 7.66 -10.89 -5.07
CA THR B 36 7.85 -11.68 -6.28
C THR B 36 8.82 -11.01 -7.24
N LYS B 37 9.58 -10.02 -6.77
CA LYS B 37 10.29 -9.13 -7.68
C LYS B 37 11.49 -9.84 -8.31
N ASP B 38 12.37 -10.40 -7.49
CA ASP B 38 13.55 -11.11 -7.96
C ASP B 38 13.37 -12.62 -8.02
N ARG B 39 12.31 -13.13 -7.39
CA ARG B 39 12.04 -14.56 -7.27
C ARG B 39 10.72 -14.66 -6.52
N CYS B 40 10.13 -15.86 -6.54
CA CYS B 40 8.86 -16.08 -5.86
C CYS B 40 9.14 -16.47 -4.41
N LYS B 41 8.88 -15.56 -3.48
CA LYS B 41 8.95 -15.93 -2.07
C LYS B 41 7.99 -17.10 -1.83
N PRO B 42 8.47 -18.25 -1.36
CA PRO B 42 7.59 -19.44 -1.34
C PRO B 42 6.47 -19.38 -0.31
N VAL B 43 6.72 -18.83 0.88
CA VAL B 43 5.72 -18.83 1.95
C VAL B 43 5.67 -17.46 2.59
N ASN B 44 4.47 -16.94 2.83
CA ASN B 44 4.35 -15.67 3.54
C ASN B 44 3.00 -15.60 4.23
N THR B 45 2.97 -14.94 5.39
CA THR B 45 1.73 -14.75 6.11
C THR B 45 1.41 -13.28 6.24
N PHE B 46 0.15 -12.91 6.01
CA PHE B 46 -0.35 -11.56 6.27
C PHE B 46 -1.26 -11.53 7.50
N VAL B 47 -1.17 -10.46 8.27
CA VAL B 47 -1.94 -10.31 9.50
C VAL B 47 -2.92 -9.17 9.32
N HIS B 48 -4.22 -9.49 9.45
CA HIS B 48 -5.31 -8.54 9.29
C HIS B 48 -5.74 -8.02 10.66
N GLU B 49 -4.83 -7.35 11.33
CA GLU B 49 -5.12 -6.69 12.59
C GLU B 49 -4.46 -5.32 12.55
N SER B 50 -4.83 -4.47 13.50
CA SER B 50 -4.20 -3.17 13.56
C SER B 50 -2.74 -3.33 13.96
N LEU B 51 -1.91 -2.43 13.45
CA LEU B 51 -0.50 -2.44 13.81
C LEU B 51 -0.31 -2.37 15.31
N ALA B 52 -1.15 -1.60 16.00
CA ALA B 52 -1.08 -1.52 17.45
C ALA B 52 -1.27 -2.88 18.08
N ASP B 53 -2.29 -3.63 17.63
CA ASP B 53 -2.59 -4.93 18.22
C ASP B 53 -1.45 -5.91 17.99
N VAL B 54 -0.85 -5.87 16.79
CA VAL B 54 0.26 -6.76 16.48
C VAL B 54 1.51 -6.37 17.25
N GLN B 55 1.82 -5.08 17.32
CA GLN B 55 2.97 -4.69 18.12
C GLN B 55 2.82 -5.09 19.58
N ALA B 56 1.58 -5.12 20.08
CA ALA B 56 1.35 -5.48 21.48
C ALA B 56 1.76 -6.91 21.77
N VAL B 57 1.84 -7.76 20.74
CA VAL B 57 2.20 -9.15 20.97
C VAL B 57 3.55 -9.22 21.64
N CYS B 58 4.42 -8.20 21.41
CA CYS B 58 5.75 -8.16 22.01
C CYS B 58 5.72 -8.02 23.53
N SER B 59 4.55 -7.82 24.13
CA SER B 59 4.35 -7.83 25.58
C SER B 59 3.54 -9.03 26.07
N GLN B 60 3.32 -10.04 25.24
CA GLN B 60 2.41 -11.14 25.55
C GLN B 60 3.22 -12.38 25.92
N LYS B 61 2.94 -13.56 25.37
CA LYS B 61 3.48 -14.81 25.92
C LYS B 61 4.87 -15.06 25.34
N ASN B 62 5.88 -14.89 26.17
CA ASN B 62 7.27 -15.06 25.74
C ASN B 62 7.55 -16.52 25.47
N VAL B 63 8.05 -16.82 24.27
CA VAL B 63 8.35 -18.18 23.86
C VAL B 63 9.70 -18.17 23.15
N ALA B 64 10.25 -19.36 22.96
CA ALA B 64 11.47 -19.49 22.18
C ALA B 64 11.16 -19.31 20.70
N CYS B 65 12.09 -18.67 20.00
CA CYS B 65 12.03 -18.60 18.56
C CYS B 65 12.51 -19.91 17.95
N LYS B 66 12.17 -20.05 16.68
CA LYS B 66 12.58 -21.18 15.86
C LYS B 66 14.09 -21.39 15.91
N ASN B 67 14.87 -20.29 15.89
CA ASN B 67 16.32 -20.37 15.87
C ASN B 67 16.95 -20.48 17.24
N GLY B 68 16.15 -20.58 18.30
CA GLY B 68 16.67 -20.75 19.64
C GLY B 68 16.73 -19.49 20.49
N GLN B 69 16.61 -18.30 19.90
CA GLN B 69 16.53 -17.09 20.71
C GLN B 69 15.27 -17.09 21.55
N THR B 70 15.25 -16.22 22.57
CA THR B 70 14.09 -16.13 23.46
C THR B 70 13.40 -14.78 23.38
N ASN B 71 13.54 -14.08 22.25
CA ASN B 71 12.83 -12.83 22.03
C ASN B 71 11.62 -13.01 21.11
N CYS B 72 10.96 -14.17 21.18
CA CYS B 72 9.71 -14.39 20.46
C CYS B 72 8.53 -14.38 21.43
N TYR B 73 7.35 -14.10 20.86
CA TYR B 73 6.15 -13.86 21.66
C TYR B 73 4.97 -14.43 20.92
N GLN B 74 4.15 -15.20 21.61
CA GLN B 74 2.92 -15.74 21.03
C GLN B 74 1.76 -14.85 21.45
N SER B 75 0.93 -14.47 20.48
CA SER B 75 -0.22 -13.64 20.79
C SER B 75 -1.20 -14.40 21.71
N TYR B 76 -1.76 -13.68 22.69
CA TYR B 76 -2.73 -14.30 23.59
C TYR B 76 -3.99 -14.67 22.84
N SER B 77 -4.46 -13.79 21.95
CA SER B 77 -5.67 -14.01 21.18
C SER B 77 -5.32 -14.53 19.78
N THR B 78 -6.29 -15.22 19.19
CA THR B 78 -6.21 -15.53 17.77
C THR B 78 -6.42 -14.25 16.97
N MET B 79 -5.79 -14.20 15.79
CA MET B 79 -5.83 -13.04 14.92
C MET B 79 -6.19 -13.46 13.50
N SER B 80 -6.83 -12.54 12.77
CA SER B 80 -7.13 -12.81 11.36
C SER B 80 -5.86 -12.77 10.52
N ILE B 81 -5.54 -13.90 9.88
CA ILE B 81 -4.34 -14.02 9.08
C ILE B 81 -4.64 -14.73 7.77
N THR B 82 -3.79 -14.48 6.78
CA THR B 82 -3.85 -15.18 5.49
C THR B 82 -2.49 -15.80 5.25
N ASP B 83 -2.46 -17.10 5.05
CA ASP B 83 -1.23 -17.77 4.67
C ASP B 83 -1.14 -17.84 3.15
N CYS B 84 0.00 -17.45 2.60
CA CYS B 84 0.24 -17.50 1.16
C CYS B 84 1.32 -18.53 0.91
N ARG B 85 1.02 -19.49 0.04
CA ARG B 85 1.92 -20.61 -0.22
C ARG B 85 2.01 -20.81 -1.71
N GLU B 86 3.23 -20.77 -2.24
CA GLU B 86 3.43 -20.91 -3.66
C GLU B 86 2.95 -22.29 -4.12
N THR B 87 2.25 -22.33 -5.25
CA THR B 87 1.80 -23.60 -5.82
C THR B 87 2.99 -24.41 -6.34
N GLY B 88 2.79 -25.72 -6.47
CA GLY B 88 3.85 -26.58 -6.96
C GLY B 88 4.24 -26.30 -8.39
N SER B 89 3.31 -25.74 -9.17
CA SER B 89 3.52 -25.45 -10.58
C SER B 89 3.88 -23.99 -10.83
N SER B 90 4.19 -23.23 -9.79
CA SER B 90 4.44 -21.81 -9.93
C SER B 90 5.88 -21.54 -10.36
N LYS B 91 6.03 -20.61 -11.31
CA LYS B 91 7.34 -20.37 -11.92
C LYS B 91 7.58 -18.87 -12.05
N TYR B 92 8.67 -18.39 -11.46
CA TYR B 92 9.07 -17.00 -11.60
C TYR B 92 9.20 -16.65 -13.09
N PRO B 93 8.68 -15.49 -13.52
CA PRO B 93 8.06 -14.41 -12.76
C PRO B 93 6.54 -14.44 -12.66
N ASN B 94 5.87 -15.53 -13.06
CA ASN B 94 4.43 -15.65 -12.90
C ASN B 94 4.10 -16.41 -11.62
N CYS B 95 4.48 -15.79 -10.50
CA CYS B 95 4.34 -16.44 -9.20
C CYS B 95 2.87 -16.65 -8.86
N ALA B 96 2.51 -17.89 -8.52
CA ALA B 96 1.14 -18.27 -8.22
C ALA B 96 1.06 -18.81 -6.80
N TYR B 97 0.03 -18.40 -6.07
CA TYR B 97 -0.08 -18.70 -4.66
C TYR B 97 -1.46 -19.26 -4.31
N LYS B 98 -1.47 -20.17 -3.36
CA LYS B 98 -2.70 -20.58 -2.70
C LYS B 98 -2.93 -19.67 -1.49
N THR B 99 -4.17 -19.22 -1.35
CA THR B 99 -4.60 -18.33 -0.28
C THR B 99 -5.40 -19.14 0.75
N THR B 100 -4.99 -19.08 2.02
CA THR B 100 -5.75 -19.72 3.09
C THR B 100 -6.00 -18.71 4.19
N GLN B 101 -7.28 -18.43 4.44
CA GLN B 101 -7.69 -17.52 5.51
C GLN B 101 -7.98 -18.30 6.78
N ALA B 102 -7.60 -17.74 7.93
CA ALA B 102 -7.80 -18.44 9.19
C ALA B 102 -7.60 -17.46 10.35
N ASN B 103 -8.09 -17.85 11.53
CA ASN B 103 -7.83 -17.12 12.77
C ASN B 103 -6.94 -18.00 13.63
N LYS B 104 -5.69 -17.58 13.82
CA LYS B 104 -4.77 -18.35 14.65
C LYS B 104 -3.92 -17.40 15.47
N HIS B 105 -3.18 -17.97 16.41
CA HIS B 105 -2.23 -17.17 17.17
C HIS B 105 -1.01 -16.91 16.29
N ILE B 106 -0.38 -15.76 16.47
CA ILE B 106 0.85 -15.49 15.75
C ILE B 106 2.01 -15.59 16.72
N ILE B 107 3.18 -15.96 16.20
CA ILE B 107 4.42 -15.93 16.98
C ILE B 107 5.41 -15.06 16.24
N VAL B 108 5.88 -13.98 16.88
CA VAL B 108 6.79 -13.04 16.25
C VAL B 108 8.01 -12.84 17.13
N ALA B 109 9.14 -12.54 16.50
CA ALA B 109 10.33 -12.11 17.22
C ALA B 109 10.31 -10.59 17.29
N CYS B 110 10.66 -10.05 18.45
CA CYS B 110 10.60 -8.62 18.68
C CYS B 110 11.97 -8.07 19.06
N GLU B 111 12.25 -6.86 18.56
CA GLU B 111 13.52 -6.18 18.74
C GLU B 111 13.31 -4.67 18.59
N GLY B 112 14.31 -3.91 19.07
CA GLY B 112 14.39 -2.49 18.80
C GLY B 112 13.59 -1.60 19.75
N ASN B 113 13.73 -0.29 19.55
CA ASN B 113 12.94 0.66 20.31
C ASN B 113 12.27 1.54 19.26
N PRO B 114 10.94 1.54 19.17
CA PRO B 114 10.00 0.85 20.06
C PRO B 114 10.12 -0.66 19.88
N TYR B 115 9.71 -1.42 20.89
CA TYR B 115 9.83 -2.87 20.88
C TYR B 115 8.72 -3.43 19.98
N VAL B 116 9.10 -3.80 18.76
CA VAL B 116 8.09 -4.18 17.76
C VAL B 116 8.52 -5.47 17.06
N PRO B 117 7.61 -6.13 16.35
CA PRO B 117 7.99 -7.37 15.65
C PRO B 117 9.00 -7.10 14.55
N VAL B 118 10.00 -7.97 14.45
CA VAL B 118 10.96 -7.91 13.37
C VAL B 118 11.00 -9.20 12.57
N HIS B 119 10.24 -10.21 12.97
CA HIS B 119 10.25 -11.45 12.20
C HIS B 119 8.96 -12.21 12.52
N PHE B 120 8.37 -12.79 11.48
CA PHE B 120 7.22 -13.69 11.65
C PHE B 120 7.76 -15.10 11.81
N ASP B 121 7.51 -15.71 12.98
CA ASP B 121 8.08 -17.03 13.23
C ASP B 121 7.14 -18.15 12.82
N ALA B 122 5.87 -18.05 13.18
CA ALA B 122 4.91 -19.13 12.96
C ALA B 122 3.53 -18.61 13.31
N SER B 123 2.51 -19.36 12.90
CA SER B 123 1.19 -19.20 13.48
C SER B 123 0.77 -20.52 14.08
N VAL B 124 -0.04 -20.47 15.12
CA VAL B 124 -0.46 -21.72 15.74
C VAL B 124 -1.96 -21.75 15.91
C10 YWQ C . 0.55 17.76 -5.20
C15 YWQ C . -4.04 17.24 -4.28
C02 YWQ C . -3.50 18.57 -3.59
C03 YWQ C . -1.98 18.62 -3.93
C04 YWQ C . -2.00 17.81 -5.25
C06 YWQ C . -0.65 16.13 -6.55
C08 YWQ C . 1.85 16.14 -6.45
C09 YWQ C . 1.76 17.26 -5.55
C16 YWQ C . -4.48 16.09 -3.28
N05 YWQ C . -0.64 17.23 -5.67
N07 YWQ C . 0.63 15.62 -6.91
O01 YWQ C . -3.49 18.53 -2.21
O11 YWQ C . 2.89 15.58 -6.85
O12 YWQ C . -1.64 15.59 -7.02
O13 YWQ C . -2.93 16.80 -5.10
O14 YWQ C . -1.22 17.98 -2.98
O17 YWQ C . -5.82 15.99 -3.19
O19 YWQ C . -8.03 16.19 -1.88
O20 YWQ C . -7.14 18.40 -3.00
O22 YWQ C . -8.03 20.86 -2.71
O23 YWQ C . -5.54 20.47 -2.06
O25 YWQ C . -6.53 20.99 0.16
O26 YWQ C . -4.05 21.70 -0.18
O28 YWQ C . -2.05 23.36 -0.15
O29 YWQ C . -2.87 22.71 -2.46
O31 YWQ C . -4.14 23.30 -4.45
O32 YWQ C . -2.65 25.27 -3.62
O34 YWQ C . -0.75 27.18 -4.04
O35 YWQ C . -0.70 25.63 -2.01
O36 YWQ C . -0.19 24.74 -4.39
O37 YWQ C . -4.62 24.58 -2.22
O38 YWQ C . -1.77 20.94 -0.95
O39 YWQ C . -4.66 19.28 0.08
O40 YWQ C . -6.26 20.11 -4.41
O41 YWQ C . -6.01 17.30 -0.94
O43 YWQ C . -0.81 28.97 -1.98
O44 YWQ C . -1.11 29.73 -4.34
O45 YWQ C . 1.17 28.93 -3.50
P18 YWQ C . -6.88 17.13 -2.15
P21 YWQ C . -6.73 20.16 -2.99
P24 YWQ C . -5.17 20.62 -0.37
P27 YWQ C . -2.55 22.22 -1.00
P30 YWQ C . -3.65 24.08 -3.24
P33 YWQ C . -0.96 25.69 -3.50
P42 YWQ C . -0.35 28.77 -3.42
C10 YWQ D . 12.84 -5.34 -0.59
C15 YWQ D . 15.52 -7.63 1.60
C02 YWQ D . 16.29 -7.56 0.23
C03 YWQ D . 15.92 -6.18 -0.43
C04 YWQ D . 15.05 -5.50 0.70
C06 YWQ D . 13.67 -3.37 0.54
C08 YWQ D . 11.52 -3.32 -0.76
C09 YWQ D . 11.73 -4.69 -1.06
C16 YWQ D . 14.59 -8.87 1.68
N05 YWQ D . 13.79 -4.73 0.18
N07 YWQ D . 12.50 -2.70 0.05
O01 YWQ D . 15.86 -8.47 -0.69
O11 YWQ D . 10.55 -2.63 -1.11
O12 YWQ D . 14.47 -2.74 1.23
O13 YWQ D . 14.71 -6.42 1.67
O14 YWQ D . 15.29 -6.25 -1.69
O17 YWQ D . 13.72 -8.80 0.67
O19 YWQ D . 12.23 -10.05 -0.92
O20 YWQ D . 12.43 -11.02 1.50
O22 YWQ D . 12.26 -13.65 1.25
O23 YWQ D . 14.22 -12.82 2.74
O25 YWQ D . 15.17 -11.86 4.79
O26 YWQ D . 14.20 -14.20 5.15
O28 YWQ D . 15.63 -14.20 7.26
O29 YWQ D . 14.57 -16.43 6.78
O31 YWQ D . 15.18 -16.75 9.09
O32 YWQ D . 13.25 -18.27 8.37
O34 YWQ D . 11.30 -18.68 6.55
O35 YWQ D . 13.21 -20.34 7.03
O36 YWQ D . 11.34 -19.97 8.77
O37 YWQ D . 15.50 -18.73 7.44
O38 YWQ D . 13.09 -14.40 7.37
O39 YWQ D . 12.67 -12.25 4.69
O40 YWQ D . 14.15 -12.16 0.32
O41 YWQ D . 11.17 -8.80 0.97
O43 YWQ D . 9.24 -17.16 5.57
O44 YWQ D . 11.57 -16.81 4.79
O45 YWQ D . 10.89 -16.11 7.14
P18 YWQ D . 12.20 -9.81 0.56
P21 YWQ D . 13.32 -12.61 1.49
P24 YWQ D . 14.04 -12.81 4.46
P27 YWQ D . 14.38 -14.87 6.76
P30 YWQ D . 14.65 -17.65 8.01
P33 YWQ D . 12.22 -19.40 7.68
P42 YWQ D . 10.71 -17.11 6.01
#